data_8ZNQ
#
_entry.id   8ZNQ
#
loop_
_entity.id
_entity.type
_entity.pdbx_description
1 polymer 'RNA (30-MER)'
2 non-polymer 'N~3~-{3-[(7-METHYL-1,8-NAPHTHYRIDIN-2-YL)AMINO]-3-OXOPROPYL}-N~1~-[(7-OXO-7,8-DIHYDRO-1,8-NAPHTHYRIDIN-2-YL)METHYL]-BET A-ALANINAMIDE'
#
_entity_poly.entity_id   1
_entity_poly.type   'polyribonucleotide'
_entity_poly.pdbx_seq_one_letter_code
;ACCGUGACGGGCCUUUUGGCUAUACGCGGU
;
_entity_poly.pdbx_strand_id   A
#
loop_
_chem_comp.id
_chem_comp.type
_chem_comp.name
_chem_comp.formula
A RNA linking ADENOSINE-5'-MONOPHOSPHATE 'C10 H14 N5 O7 P'
C RNA linking CYTIDINE-5'-MONOPHOSPHATE 'C9 H14 N3 O8 P'
G RNA linking GUANOSINE-5'-MONOPHOSPHATE 'C10 H14 N5 O8 P'
NAZ non-polymer 'N~3~-{3-[(7-METHYL-1,8-NAPHTHYRIDIN-2-YL)AMINO]-3-OXOPROPYL}-N~1~-[(7-OXO-7,8-DIHYDRO-1,8-NAPHTHYRIDIN-2-YL)METHYL]-BET A-ALANINAMIDE' 'C24 H25 N7 O3'
U RNA linking URIDINE-5'-MONOPHOSPHATE 'C9 H13 N2 O9 P'
#
# COMPACT_ATOMS: atom_id res chain seq x y z
C1 NAZ B . -0.30 -3.22 -2.33
O2 NAZ B . -2.68 -3.15 -3.84
C3 NAZ B . -3.90 -1.33 -1.05
N4 NAZ B . -4.84 -1.52 0.12
C5 NAZ B . -4.67 -0.42 1.07
C6 NAZ B . -3.18 -0.18 1.29
C7 NAZ B . -2.73 1.10 0.64
C8 NAZ B . -0.89 2.71 0.06
C9 NAZ B . -1.49 3.15 -1.09
N10 NAZ B . 0.07 3.41 0.71
C11 NAZ B . -1.05 4.35 -1.66
C12 NAZ B . 0.54 4.55 0.18
C13 NAZ B . -0.01 5.04 -1.01
C14 NAZ B . 1.41 6.99 -0.85
C15 NAZ B . 0.44 6.28 -1.56
C16 NAZ B . 1.91 6.45 0.30
N17 NAZ B . 1.48 5.28 0.83
N18 NAZ B . -1.33 1.48 0.68
C19 NAZ B . 3.00 7.17 1.01
O20 NAZ B . -3.54 1.83 0.10
C21 NAZ B . -4.13 -2.42 -2.07
C22 NAZ B . -2.77 -2.83 -2.66
N23 NAZ B . -1.58 -2.84 -1.80
C24 NAZ B . 4.80 -2.74 0.90
C25 NAZ B . 4.49 -3.70 1.93
N26 NAZ B . 3.88 -2.49 -0.09
C27 NAZ B . 3.30 -4.45 1.98
C28 NAZ B . 2.67 -3.24 -0.14
C29 NAZ B . 2.37 -4.18 0.89
C30 NAZ B . 0.29 -4.58 -0.27
C31 NAZ B . 1.17 -4.89 0.81
C32 NAZ B . 0.66 -3.58 -1.21
N33 NAZ B . 1.84 -2.90 -1.12
O34 NAZ B . 6.02 -2.08 0.89
H36 NAZ B . -0.41 -3.99 -2.94
H37 NAZ B . 0.07 -2.48 -2.85
H38 NAZ B . -2.99 -1.40 -0.71
H39 NAZ B . -4.06 -0.46 -1.45
H40 NAZ B . -4.66 -2.32 0.54
H41 NAZ B . -5.09 -0.66 1.91
H42 NAZ B . -5.08 0.40 0.71
H43 NAZ B . -2.70 -0.93 0.90
H44 NAZ B . -3.00 -0.15 2.25
H45 NAZ B . -2.22 2.67 -1.50
H46 NAZ B . -1.46 4.71 -2.45
H47 NAZ B . 1.74 7.85 -1.18
H48 NAZ B . 0.03 6.60 -2.38
H49 NAZ B . -0.71 0.96 1.08
H50 NAZ B . 3.38 6.59 1.68
H51 NAZ B . 2.64 7.99 1.43
H52 NAZ B . 3.70 7.43 0.36
H53 NAZ B . -4.54 -3.19 -1.65
H54 NAZ B . -4.70 -2.09 -2.78
H55 NAZ B . -1.66 -2.61 -0.91
H56 NAZ B . 5.15 -3.87 2.61
H35 NAZ B . 4.06 -1.87 -0.74
H57 NAZ B . 3.10 -5.09 2.66
H58 NAZ B . -0.55 -5.05 -0.33
H59 NAZ B . 0.97 -5.56 1.46
HN2 NAZ B . -5.70 -1.53 -0.18
C1 NAZ B . 0.16 -3.66 -1.86
O2 NAZ B . -2.31 -3.57 -3.20
C3 NAZ B . -3.37 -1.84 -0.28
N4 NAZ B . -4.25 -2.09 0.92
C5 NAZ B . -4.04 -1.02 1.91
C6 NAZ B . -2.55 -0.74 2.03
C7 NAZ B . -2.20 0.56 1.34
C8 NAZ B . -0.47 2.22 0.60
C9 NAZ B . -1.17 2.64 -0.51
N10 NAZ B . 0.50 2.98 1.18
C11 NAZ B . -0.81 3.84 -1.12
C12 NAZ B . 0.89 4.13 0.61
C13 NAZ B . 0.24 4.59 -0.54
C14 NAZ B . 1.59 6.59 -0.49
C15 NAZ B . 0.60 5.83 -1.13
C16 NAZ B . 2.19 6.07 0.63
N17 NAZ B . 1.84 4.89 1.20
N18 NAZ B . -0.83 0.99 1.26
C19 NAZ B . 3.29 6.86 1.25
O20 NAZ B . -3.08 1.23 0.84
C21 NAZ B . -3.64 -2.89 -1.34
C22 NAZ B . -2.32 -3.28 -2.02
N23 NAZ B . -1.09 -3.29 -1.23
C24 NAZ B . 5.47 -2.98 0.99
C25 NAZ B . 5.27 -3.95 2.03
N26 NAZ B . 4.48 -2.77 0.07
C27 NAZ B . 4.12 -4.75 2.17
C28 NAZ B . 3.29 -3.56 0.10
C29 NAZ B . 3.10 -4.51 1.16
C30 NAZ B . 0.95 -4.99 0.15
C31 NAZ B . 1.92 -5.26 1.17
C32 NAZ B . 1.22 -3.98 -0.81
N33 NAZ B . 2.38 -3.27 -0.81
O34 NAZ B . 6.67 -2.29 0.88
H36 NAZ B . 0.02 -4.44 -2.46
H37 NAZ B . 0.46 -2.91 -2.41
H38 NAZ B . -2.43 -1.93 0.00
H39 NAZ B . -3.54 -0.95 -0.63
H40 NAZ B . -4.05 -2.91 1.30
H41 NAZ B . -4.38 -1.33 2.77
H42 NAZ B . -4.52 -0.22 1.64
H43 NAZ B . -2.07 -1.47 1.61
H44 NAZ B . -2.30 -0.68 2.97
H45 NAZ B . -1.91 2.12 -0.87
H46 NAZ B . -1.28 4.18 -1.88
H47 NAZ B . 1.86 7.46 -0.85
H48 NAZ B . 0.13 6.13 -1.92
H49 NAZ B . -0.16 0.50 1.62
H50 NAZ B . 3.46 6.52 2.14
H51 NAZ B . 3.03 7.81 1.31
H52 NAZ B . 4.11 6.77 0.71
H53 NAZ B . -4.04 -3.68 -0.93
H54 NAZ B . -4.26 -2.53 -2.00
H55 NAZ B . -1.11 -3.08 -0.34
H56 NAZ B . 5.98 -4.09 2.66
H35 NAZ B . 4.58 -2.16 -0.60
H57 NAZ B . 4.00 -5.39 2.87
H58 NAZ B . 0.13 -5.49 0.16
H59 NAZ B . 1.79 -5.94 1.83
HN2 NAZ B . -5.12 -2.09 0.66
C1 NAZ B . -0.05 -3.44 -2.23
O2 NAZ B . -2.43 -3.38 -3.72
C3 NAZ B . -3.64 -1.50 -0.97
N4 NAZ B . -4.58 -1.67 0.19
C5 NAZ B . -4.40 -0.53 1.12
C6 NAZ B . -2.91 -0.30 1.34
C7 NAZ B . -2.45 0.96 0.67
C8 NAZ B . -0.59 2.55 0.05
C9 NAZ B . -1.20 2.97 -1.11
N10 NAZ B . 0.37 3.25 0.68
C11 NAZ B . -0.75 4.16 -1.70
C12 NAZ B . 0.85 4.39 0.13
C13 NAZ B . 0.29 4.86 -1.07
C14 NAZ B . 1.73 6.79 -0.95
C15 NAZ B . 0.74 6.08 -1.64
C16 NAZ B . 2.23 6.27 0.21
N17 NAZ B . 1.78 5.12 0.76
N18 NAZ B . -1.05 1.34 0.69
C19 NAZ B . 3.33 7.01 0.90
O20 NAZ B . -3.26 1.68 0.10
C21 NAZ B . -3.87 -2.62 -1.98
C22 NAZ B . -2.52 -3.04 -2.56
N23 NAZ B . -1.33 -3.04 -1.70
C24 NAZ B . 5.06 -2.91 0.98
C25 NAZ B . 4.75 -3.84 2.03
N26 NAZ B . 4.14 -2.69 -0.01
C27 NAZ B . 3.56 -4.58 2.09
C28 NAZ B . 2.93 -3.42 -0.05
C29 NAZ B . 2.62 -4.34 1.01
C30 NAZ B . 0.54 -4.75 -0.14
C31 NAZ B . 1.42 -5.04 0.94
C32 NAZ B . 0.91 -3.77 -1.10
N33 NAZ B . 2.10 -3.11 -1.03
O34 NAZ B . 6.29 -2.27 0.95
H36 NAZ B . -0.16 -4.22 -2.83
H37 NAZ B . 0.32 -2.70 -2.75
H38 NAZ B . -2.72 -1.57 -0.64
H39 NAZ B . -3.79 -0.64 -1.39
H40 NAZ B . -4.41 -2.45 0.64
H41 NAZ B . -4.82 -0.75 1.96
H42 NAZ B . -4.81 0.28 0.72
H43 NAZ B . -2.44 -1.07 0.97
H44 NAZ B . -2.74 -0.25 2.30
H45 NAZ B . -1.94 2.49 -1.50
H46 NAZ B . -1.16 4.51 -2.51
H47 NAZ B . 2.06 7.65 -1.30
H48 NAZ B . 0.34 6.38 -2.47
H49 NAZ B . -0.44 0.82 1.10
H50 NAZ B . 3.64 6.49 1.65
H51 NAZ B . 2.99 7.88 1.21
H52 NAZ B . 4.06 7.15 0.27
H53 NAZ B . -4.29 -3.37 -1.53
H54 NAZ B . -4.44 -2.31 -2.69
H55 NAZ B . -1.41 -2.78 -0.82
H56 NAZ B . 5.41 -4.00 2.72
H35 NAZ B . 4.33 -2.08 -0.68
H57 NAZ B . 3.36 -5.20 2.80
H58 NAZ B . -0.30 -5.22 -0.18
H59 NAZ B . 1.21 -5.70 1.61
HN2 NAZ B . -5.44 -1.68 -0.11
C1 NAZ B . -0.21 -3.46 -2.09
O2 NAZ B . -2.63 -3.37 -3.52
C3 NAZ B . -3.79 -1.66 -0.63
N4 NAZ B . -4.72 -1.90 0.54
C5 NAZ B . -4.53 -0.83 1.53
C6 NAZ B . -3.04 -0.56 1.71
C7 NAZ B . -2.66 0.74 1.04
C8 NAZ B . -0.88 2.40 0.40
C9 NAZ B . -1.53 2.83 -0.74
N10 NAZ B . 0.06 3.14 1.03
C11 NAZ B . -1.13 4.05 -1.31
C12 NAZ B . 0.49 4.30 0.50
C13 NAZ B . -0.11 4.78 -0.69
C14 NAZ B . 1.25 6.77 -0.55
C15 NAZ B . 0.28 6.02 -1.24
C16 NAZ B . 1.80 6.23 0.59
N17 NAZ B . 1.41 5.05 1.12
N18 NAZ B . -1.27 1.17 1.03
C19 NAZ B . 2.89 7.00 1.27
O20 NAZ B . -3.51 1.43 0.52
C21 NAZ B . -4.03 -2.71 -1.70
C22 NAZ B . -2.69 -3.09 -2.33
N23 NAZ B . -1.48 -3.10 -1.50
C24 NAZ B . 4.98 -2.88 0.98
C25 NAZ B . 4.74 -3.85 2.01
N26 NAZ B . 4.03 -2.65 0.03
C27 NAZ B . 3.58 -4.64 2.08
C28 NAZ B . 2.84 -3.41 0.01
C29 NAZ B . 2.60 -4.38 1.04
C30 NAZ B . 0.48 -4.83 -0.05
C31 NAZ B . 1.42 -5.12 0.98
C32 NAZ B . 0.80 -3.81 -1.00
N33 NAZ B . 1.96 -3.10 -0.95
O34 NAZ B . 6.19 -2.20 0.93
H36 NAZ B . -0.33 -4.22 -2.69
H37 NAZ B . 0.13 -2.70 -2.61
H38 NAZ B . -2.86 -1.72 -0.33
H39 NAZ B . -3.97 -0.76 -0.99
H40 NAZ B . -4.51 -2.72 0.93
H41 NAZ B . -4.90 -1.13 2.38
H42 NAZ B . -4.99 -0.02 1.23
H43 NAZ B . -2.55 -1.29 1.29
H44 NAZ B . -2.82 -0.51 2.66
H45 NAZ B . -2.26 2.33 -1.13
H46 NAZ B . -1.58 4.39 -2.09
H47 NAZ B . 1.55 7.64 -0.89
H48 NAZ B . -0.15 6.33 -2.05
H49 NAZ B . -0.63 0.67 1.41
H50 NAZ B . 2.99 6.67 2.17
H51 NAZ B . 2.66 7.95 1.28
H52 NAZ B . 3.73 6.87 0.78
H53 NAZ B . -4.43 -3.49 -1.29
H54 NAZ B . -4.63 -2.35 -2.38
H55 NAZ B . -1.54 -2.89 -0.61
H56 NAZ B . 5.42 -4.02 2.67
H35 NAZ B . 4.17 -2.01 -0.62
H57 NAZ B . 3.41 -5.29 2.77
H58 NAZ B . -0.33 -5.32 -0.09
H59 NAZ B . 1.25 -5.81 1.64
HN2 NAZ B . -5.56 -1.91 0.26
C1 NAZ B . 0.45 -2.90 -1.56
O2 NAZ B . -1.98 -3.41 -2.92
C3 NAZ B . -3.73 -2.44 0.00
N4 NAZ B . -3.17 -1.12 -0.46
C5 NAZ B . -3.32 -0.14 0.65
C6 NAZ B . -1.95 0.15 1.24
C7 NAZ B . -1.43 1.44 0.66
C8 NAZ B . 0.39 3.13 0.37
C9 NAZ B . -0.19 3.60 -0.78
N10 NAZ B . 1.35 3.81 1.05
C11 NAZ B . 0.26 4.81 -1.31
C12 NAZ B . 1.83 4.96 0.55
C13 NAZ B . 1.30 5.48 -0.64
C14 NAZ B . 2.73 7.41 -0.42
C15 NAZ B . 1.77 6.73 -1.15
C16 NAZ B . 3.22 6.84 0.73
N17 NAZ B . 2.77 5.66 1.22
N18 NAZ B . -0.09 1.90 0.94
C19 NAZ B . 4.32 7.54 1.48
O20 NAZ B . -2.15 2.12 -0.05
C21 NAZ B . -3.41 -3.53 -1.01
C22 NAZ B . -2.05 -3.34 -1.70
N23 NAZ B . -0.83 -3.08 -0.93
C24 NAZ B . 6.00 -2.68 0.89
C25 NAZ B . 5.81 -3.65 1.93
N26 NAZ B . 4.96 -2.38 0.05
C27 NAZ B . 4.62 -4.36 2.14
C28 NAZ B . 3.72 -3.08 0.16
C29 NAZ B . 3.55 -4.04 1.22
C30 NAZ B . 1.29 -4.33 0.37
C31 NAZ B . 2.32 -4.70 1.30
C32 NAZ B . 1.56 -3.33 -0.60
N33 NAZ B . 2.78 -2.69 -0.68
O34 NAZ B . 7.23 -2.08 0.69
H36 NAZ B . 0.50 -3.43 -2.39
H37 NAZ B . 0.58 -1.97 -1.79
H38 NAZ B . -4.71 -2.36 0.04
H39 NAZ B . -3.41 -2.69 0.88
H40 NAZ B . -3.64 -0.81 -1.19
H41 NAZ B . -3.88 -0.53 1.33
H42 NAZ B . -3.73 0.68 0.32
H43 NAZ B . -1.35 -0.59 1.02
H44 NAZ B . -2.02 0.23 2.21
H45 NAZ B . -0.93 3.14 -1.20
H46 NAZ B . -0.13 5.19 -2.10
H47 NAZ B . 3.07 8.28 -0.73
H48 NAZ B . 1.37 7.07 -1.97
H49 NAZ B . 0.47 1.41 1.47
H50 NAZ B . 4.26 7.31 2.41
H51 NAZ B . 4.21 8.51 1.37
H52 NAZ B . 5.19 7.26 1.12
H53 NAZ B . -3.41 -4.38 -0.56
H54 NAZ B . -4.10 -3.54 -1.70
H55 NAZ B . -0.88 -3.03 -0.02
H56 NAZ B . 6.56 -3.86 2.50
H35 NAZ B . 5.05 -1.75 -0.61
H57 NAZ B . 4.50 -5.01 2.84
H58 NAZ B . 0.45 -4.78 0.44
H59 NAZ B . 2.19 -5.37 1.96
HN2 NAZ B . -2.29 -1.21 -0.66
C1 NAZ B . -0.12 -3.60 -1.87
O2 NAZ B . -2.16 -2.09 -2.94
C3 NAZ B . -4.46 -2.86 -0.59
N4 NAZ B . -4.66 -1.36 -0.52
C5 NAZ B . -4.64 -0.95 0.90
C6 NAZ B . -3.20 -0.72 1.33
C7 NAZ B . -2.70 0.58 0.75
C8 NAZ B . -0.85 2.21 0.35
C9 NAZ B . -1.44 2.68 -0.81
N10 NAZ B . 0.09 2.91 1.03
C11 NAZ B . -1.00 3.90 -1.35
C12 NAZ B . 0.55 4.08 0.52
C13 NAZ B . 0.01 4.59 -0.67
C14 NAZ B . 1.41 6.55 -0.45
C15 NAZ B . 0.46 5.84 -1.18
C16 NAZ B . 1.91 5.99 0.71
N17 NAZ B . 1.47 4.81 1.20
N18 NAZ B . -1.32 0.97 0.91
C19 NAZ B . 2.98 6.71 1.45
O20 NAZ B . -3.46 1.30 0.13
C21 NAZ B . -4.03 -3.24 -2.00
C22 NAZ B . -2.53 -3.02 -2.22
N23 NAZ B . -1.51 -3.88 -1.60
C24 NAZ B . 5.08 -3.03 1.16
C25 NAZ B . 4.85 -3.98 2.20
N26 NAZ B . 4.11 -2.81 0.21
C27 NAZ B . 3.70 -4.77 2.30
C28 NAZ B . 2.92 -3.59 0.21
C29 NAZ B . 2.69 -4.54 1.27
C30 NAZ B . 0.57 -4.99 0.21
C31 NAZ B . 1.52 -5.28 1.24
C32 NAZ B . 0.86 -3.99 -0.76
N33 NAZ B . 2.03 -3.29 -0.71
O34 NAZ B . 6.28 -2.35 1.07
H36 NAZ B . 0.20 -4.00 -2.72
H37 NAZ B . -0.04 -2.64 -1.99
H38 NAZ B . -5.30 -3.30 -0.36
H39 NAZ B . -3.76 -3.09 0.05
H40 NAZ B . -5.45 -1.12 -0.91
H41 NAZ B . -5.02 -1.66 1.44
H42 NAZ B . -5.16 -0.12 1.00
H43 NAZ B . -2.67 -1.46 1.01
H44 NAZ B . -3.16 -0.68 2.30
H45 NAZ B . -2.16 2.20 -1.25
H46 NAZ B . -1.40 4.27 -2.14
H47 NAZ B . 1.73 7.42 -0.76
H48 NAZ B . 0.07 6.18 -2.00
H49 NAZ B . -0.73 0.44 1.36
H50 NAZ B . 2.64 6.96 2.33
H51 NAZ B . 3.24 7.52 0.95
H52 NAZ B . 3.75 6.13 1.56
H53 NAZ B . -4.24 -4.17 -2.14
H54 NAZ B . -4.53 -2.70 -2.64
H55 NAZ B . -1.79 -4.57 -1.06
H56 NAZ B . 5.54 -4.14 2.84
H35 NAZ B . 4.23 -2.20 -0.46
H57 NAZ B . 3.55 -5.42 3.00
H58 NAZ B . -0.24 -5.50 0.21
H59 NAZ B . 1.36 -5.95 1.89
HN2 NAZ B . -3.98 -0.95 -0.95
C1 NAZ B . 0.52 -3.07 -1.64
O2 NAZ B . -1.49 -1.49 -2.66
C3 NAZ B . -3.87 -2.43 -0.50
N4 NAZ B . -4.11 -0.95 -0.38
C5 NAZ B . -4.11 -0.59 1.06
C6 NAZ B . -2.69 -0.31 1.50
C7 NAZ B . -2.20 0.97 0.88
C8 NAZ B . -0.39 2.62 0.39
C9 NAZ B . -1.04 3.08 -0.72
N10 NAZ B . 0.60 3.32 1.01
C11 NAZ B . -0.63 4.28 -1.31
C12 NAZ B . 1.04 4.48 0.46
C13 NAZ B . 0.44 4.97 -0.71
C14 NAZ B . 1.86 6.93 -0.61
C15 NAZ B . 0.85 6.21 -1.28
C16 NAZ B . 2.42 6.38 0.52
N17 NAZ B . 2.02 5.20 1.06
N18 NAZ B . -0.82 1.39 1.00
C19 NAZ B . 3.55 7.11 1.17
O20 NAZ B . -2.98 1.68 0.25
C21 NAZ B . -3.38 -2.73 -1.92
C22 NAZ B . -1.88 -2.47 -2.05
N23 NAZ B . -0.89 -3.39 -1.46
C24 NAZ B . 5.79 -3.09 1.30
C25 NAZ B . 5.50 -4.06 2.32
N26 NAZ B . 4.85 -2.75 0.39
C27 NAZ B . 4.27 -4.73 2.43
C28 NAZ B . 3.57 -3.42 0.40
C29 NAZ B . 3.28 -4.37 1.44
C30 NAZ B . 1.10 -4.59 0.40
C31 NAZ B . 2.04 -4.99 1.40
C32 NAZ B . 1.47 -3.58 -0.55
N33 NAZ B . 2.71 -3.01 -0.51
O34 NAZ B . 7.06 -2.52 1.22
H36 NAZ B . 0.86 -3.35 -2.52
H37 NAZ B . 0.59 -2.10 -1.64
H38 NAZ B . -4.71 -2.92 -0.33
H39 NAZ B . -3.18 -2.68 0.14
H40 NAZ B . -4.92 -0.72 -0.75
H41 NAZ B . -4.45 -1.33 1.57
H42 NAZ B . -4.67 0.21 1.19
H43 NAZ B . -2.14 -1.06 1.21
H44 NAZ B . -2.66 -0.23 2.47
H45 NAZ B . -1.78 2.60 -1.10
H46 NAZ B . -1.07 4.64 -2.08
H47 NAZ B . 2.17 7.79 -0.96
H48 NAZ B . 0.42 6.54 -2.07
H49 NAZ B . -0.23 0.88 1.46
H50 NAZ B . 3.58 6.87 2.12
H51 NAZ B . 3.40 8.07 1.09
H52 NAZ B . 4.39 6.87 0.74
H53 NAZ B . -3.56 -3.66 -2.13
H54 NAZ B . -3.86 -2.17 -2.55
H55 NAZ B . -1.19 -4.13 -1.01
H56 NAZ B . 6.19 -4.29 2.96
H35 NAZ B . 5.01 -2.13 -0.26
H57 NAZ B . 4.08 -5.38 3.12
H58 NAZ B . 0.25 -5.02 0.40
H59 NAZ B . 1.82 -5.67 2.05
HN2 NAZ B . -3.44 -0.50 -0.79
C1 NAZ B . -0.23 -3.14 -2.27
O2 NAZ B . -2.64 -3.01 -3.72
C3 NAZ B . -3.76 -1.18 -0.89
N4 NAZ B . -4.66 -1.38 0.30
C5 NAZ B . -4.46 -0.29 1.25
C6 NAZ B . -2.96 -0.05 1.42
C7 NAZ B . -2.54 1.22 0.74
C8 NAZ B . -0.72 2.83 0.06
C9 NAZ B . -1.39 3.25 -1.07
N10 NAZ B . 0.26 3.54 0.66
C11 NAZ B . -0.98 4.46 -1.67
C12 NAZ B . 0.71 4.68 0.09
C13 NAZ B . 0.10 5.15 -1.08
C14 NAZ B . 1.52 7.11 -1.02
C15 NAZ B . 0.51 6.39 -1.66
C16 NAZ B . 2.07 6.57 0.12
N17 NAZ B . 1.67 5.42 0.69
N18 NAZ B . -1.14 1.61 0.71
C19 NAZ B . 3.20 7.32 0.76
O20 NAZ B . -3.37 1.95 0.22
C21 NAZ B . -4.03 -2.26 -1.93
C22 NAZ B . -2.70 -2.69 -2.55
N23 NAZ B . -1.48 -2.73 -1.70
C24 NAZ B . 4.93 -2.59 0.87
C25 NAZ B . 4.65 -3.53 1.91
N26 NAZ B . 4.01 -2.37 -0.11
C27 NAZ B . 3.46 -4.28 1.99
C28 NAZ B . 2.80 -3.10 -0.14
C29 NAZ B . 2.50 -4.03 0.93
C30 NAZ B . 0.40 -4.45 -0.18
C31 NAZ B . 1.31 -4.74 0.87
C32 NAZ B . 0.76 -3.47 -1.16
N33 NAZ B . 1.94 -2.80 -1.10
O34 NAZ B . 6.16 -1.95 0.80
H36 NAZ B . -0.36 -3.91 -2.86
H37 NAZ B . 0.14 -2.40 -2.81
H38 NAZ B . -2.83 -1.26 -0.58
H39 NAZ B . -3.91 -0.29 -1.28
H40 NAZ B . -4.47 -2.19 0.70
H41 NAZ B . -4.83 -0.54 2.11
H42 NAZ B . -4.89 0.53 0.93
H43 NAZ B . -2.50 -0.80 1.02
H44 NAZ B . -2.74 0.00 2.37
H45 NAZ B . -2.13 2.77 -1.43
H46 NAZ B . -1.43 4.80 -2.44
H47 NAZ B . 1.82 7.96 -1.37
H48 NAZ B . 0.06 6.70 -2.47
H49 NAZ B . -0.51 1.10 1.09
H50 NAZ B . 3.62 6.75 1.42
H51 NAZ B . 2.84 8.13 1.20
H52 NAZ B . 3.85 7.58 0.08
H53 NAZ B . -4.45 -3.01 -1.51
H54 NAZ B . -4.61 -1.90 -2.62
H55 NAZ B . -1.55 -2.48 -0.82
H56 NAZ B . 5.31 -3.69 2.58
H35 NAZ B . 4.16 -1.77 -0.78
H57 NAZ B . 3.27 -4.90 2.70
H58 NAZ B . -0.44 -4.92 -0.22
H59 NAZ B . 1.11 -5.40 1.55
HN2 NAZ B . -5.52 -1.38 0.02
C1 NAZ B . 0.10 -2.66 -1.86
O2 NAZ B . -2.23 -3.22 -3.35
C3 NAZ B . -4.15 -2.11 -0.58
N4 NAZ B . -3.51 -0.82 -1.02
C5 NAZ B . -3.72 0.19 0.03
C6 NAZ B . -2.39 0.50 0.69
C7 NAZ B . -1.81 1.76 0.12
C8 NAZ B . 0.05 3.42 -0.08
C9 NAZ B . -0.47 3.89 -1.26
N10 NAZ B . 1.01 4.08 0.63
C11 NAZ B . 0.04 5.09 -1.78
C12 NAZ B . 1.53 5.21 0.13
C13 NAZ B . 1.07 5.73 -1.09
C14 NAZ B . 2.55 7.63 -0.83
C15 NAZ B . 1.58 6.96 -1.59
C16 NAZ B . 2.98 7.06 0.34
N17 NAZ B . 2.46 5.91 0.84
N18 NAZ B . -0.48 2.21 0.49
C19 NAZ B . 4.05 7.74 1.12
O20 NAZ B . -2.48 2.42 -0.67
C21 NAZ B . -3.78 -3.24 -1.53
C22 NAZ B . -2.38 -3.09 -2.15
N23 NAZ B . -1.22 -2.81 -1.30
C24 NAZ B . 5.48 -2.49 0.93
C25 NAZ B . 5.21 -3.43 1.98
N26 NAZ B . 4.51 -2.19 0.02
C27 NAZ B . 4.00 -4.11 2.13
C28 NAZ B . 3.25 -2.86 0.07
C29 NAZ B . 2.98 -3.78 1.14
C30 NAZ B . 0.79 -4.05 0.16
C31 NAZ B . 1.75 -4.42 1.15
C32 NAZ B . 1.14 -3.08 -0.83
N33 NAZ B . 2.37 -2.48 -0.84
O34 NAZ B . 6.74 -1.91 0.80
H36 NAZ B . 0.20 -3.21 -2.68
H37 NAZ B . 0.25 -1.73 -2.11
H38 NAZ B . -5.12 -2.00 -0.62
H39 NAZ B . -3.90 -2.34 0.33
H40 NAZ B . -3.91 -0.53 -1.81
H41 NAZ B . -4.34 -0.16 0.68
H42 NAZ B . -4.09 1.01 -0.37
H43 NAZ B . -1.79 -0.26 0.54
H44 NAZ B . -2.51 0.59 1.66
H45 NAZ B . -1.20 3.45 -1.70
H46 NAZ B . -0.31 5.47 -2.59
H47 NAZ B . 2.92 8.48 -1.14
H48 NAZ B . 1.24 7.31 -2.43
H49 NAZ B . 0.02 1.73 1.07
H50 NAZ B . 3.97 7.51 2.06
H51 NAZ B . 3.97 8.71 1.01
H52 NAZ B . 4.93 7.45 0.79
H53 NAZ B . -3.82 -4.08 -1.05
H54 NAZ B . -4.44 -3.27 -2.26
H55 NAZ B . -1.33 -2.72 -0.40
H56 NAZ B . 5.92 -3.64 2.60
H35 NAZ B . 4.66 -1.59 -0.65
H57 NAZ B . 3.82 -4.73 2.84
H58 NAZ B . -0.07 -4.48 0.18
H59 NAZ B . 1.56 -5.09 1.82
HN2 NAZ B . -2.63 -0.94 -1.16
C1 NAZ B . 0.25 -2.95 -1.53
O2 NAZ B . -1.71 -1.38 -2.65
C3 NAZ B . -4.18 -2.29 -0.58
N4 NAZ B . -4.41 -0.80 -0.47
C5 NAZ B . -4.47 -0.43 0.95
C6 NAZ B . -3.07 -0.14 1.44
C7 NAZ B . -2.55 1.14 0.82
C8 NAZ B . -0.72 2.77 0.39
C9 NAZ B . -1.32 3.21 -0.77
N10 NAZ B . 0.25 3.48 1.03
C11 NAZ B . -0.88 4.41 -1.34
C12 NAZ B . 0.72 4.62 0.49
C13 NAZ B . 0.16 5.11 -0.71
C14 NAZ B . 1.58 7.05 -0.58
C15 NAZ B . 0.60 6.34 -1.27
C16 NAZ B . 2.10 6.52 0.57
N17 NAZ B . 1.66 5.36 1.12
N18 NAZ B . -1.17 1.55 1.00
C19 NAZ B . 3.19 7.26 1.26
O20 NAZ B . -3.30 1.83 0.16
C21 NAZ B . -3.64 -2.61 -1.97
C22 NAZ B . -2.12 -2.36 -2.05
N23 NAZ B . -1.16 -3.27 -1.41
C24 NAZ B . 5.42 -2.96 1.60
C25 NAZ B . 5.08 -3.90 2.62
N26 NAZ B . 4.50 -2.63 0.64
C27 NAZ B . 3.85 -4.58 2.69
C28 NAZ B . 3.23 -3.29 0.62
C29 NAZ B . 2.89 -4.22 1.65
C30 NAZ B . 0.76 -4.45 0.54
C31 NAZ B . 1.65 -4.83 1.58
C32 NAZ B . 1.16 -3.46 -0.41
N33 NAZ B . 2.40 -2.88 -0.34
O34 NAZ B . 6.69 -2.40 1.55
H36 NAZ B . 0.62 -3.24 -2.40
H37 NAZ B . 0.32 -1.98 -1.53
H38 NAZ B . -5.02 -2.78 -0.43
H39 NAZ B . -3.52 -2.53 0.10
H40 NAZ B . -5.20 -0.58 -0.88
H41 NAZ B . -4.84 -1.16 1.46
H42 NAZ B . -5.03 0.38 1.06
H43 NAZ B . -2.50 -0.89 1.18
H44 NAZ B . -3.07 -0.04 2.42
H45 NAZ B . -2.05 2.73 -1.16
H46 NAZ B . -1.30 4.76 -2.14
H47 NAZ B . 1.90 7.91 -0.92
H48 NAZ B . 0.19 6.66 -2.09
H49 NAZ B . -0.61 1.04 1.49
H50 NAZ B . 3.19 7.03 2.20
H51 NAZ B . 3.05 8.22 1.16
H52 NAZ B . 4.06 7.01 0.87
H53 NAZ B . -3.82 -3.54 -2.17
H54 NAZ B . -4.09 -2.04 -2.62
H55 NAZ B . -1.49 -4.00 -0.95
H56 NAZ B . 5.74 -4.14 3.27
H35 NAZ B . 4.69 -2.01 -0.02
H57 NAZ B . 3.63 -5.21 3.38
H58 NAZ B . -0.10 -4.87 0.52
H59 NAZ B . 1.41 -5.51 2.22
HN2 NAZ B . -3.74 -0.36 -0.87
#